data_8TXS
#
_entry.id   8TXS
#
_entity_poly.entity_id   1
_entity_poly.type   'polypeptide(L)'
_entity_poly.pdbx_seq_one_letter_code
;RGVTVPHNGESKDYSV
;
_entity_poly.pdbx_strand_id   A
#
# COMPACT_ATOMS: atom_id res chain seq x y z
N ARG A 1 -9.60 7.30 4.17
CA ARG A 1 -8.35 7.16 3.43
C ARG A 1 -8.00 5.68 3.24
N GLY A 2 -7.30 5.38 2.16
CA GLY A 2 -6.92 4.00 1.88
C GLY A 2 -5.71 3.57 2.67
N VAL A 3 -5.54 2.26 2.82
CA VAL A 3 -4.41 1.71 3.56
C VAL A 3 -3.24 1.39 2.65
N THR A 4 -2.06 1.82 3.04
CA THR A 4 -0.85 1.58 2.25
C THR A 4 -0.09 0.37 2.75
N VAL A 5 -0.08 -0.70 1.96
CA VAL A 5 0.61 -1.93 2.34
C VAL A 5 1.79 -2.18 1.41
N PRO A 6 2.95 -1.61 1.77
CA PRO A 6 4.18 -1.76 1.00
C PRO A 6 4.75 -3.17 1.08
N HIS A 7 5.00 -3.78 -0.08
CA HIS A 7 5.54 -5.12 -0.14
C HIS A 7 7.06 -5.11 0.06
N ASN A 8 7.69 -6.26 -0.17
CA ASN A 8 9.14 -6.38 -0.01
C ASN A 8 9.85 -5.25 -0.74
N GLY A 9 9.98 -4.10 -0.07
CA GLY A 9 10.65 -2.96 -0.67
C GLY A 9 9.73 -2.16 -1.57
N GLU A 10 8.56 -2.72 -1.88
CA GLU A 10 7.60 -2.06 -2.74
C GLU A 10 6.50 -1.38 -1.92
N SER A 11 5.92 -0.33 -2.47
CA SER A 11 4.86 0.41 -1.79
C SER A 11 3.51 0.19 -2.48
N LYS A 12 2.55 -0.32 -1.73
CA LYS A 12 1.21 -0.58 -2.27
C LYS A 12 0.19 0.36 -1.64
N ASP A 13 -0.79 0.77 -2.44
CA ASP A 13 -1.84 1.67 -1.96
C ASP A 13 -3.21 1.05 -2.16
N TYR A 14 -3.89 0.72 -1.06
CA TYR A 14 -5.21 0.12 -1.13
C TYR A 14 -6.30 1.16 -0.85
N SER A 15 -7.14 1.40 -1.86
CA SER A 15 -8.22 2.37 -1.72
C SER A 15 -9.51 1.70 -1.28
N VAL A 16 -9.91 1.96 -0.04
CA VAL A 16 -11.14 1.36 0.50
C VAL A 16 -12.25 2.41 0.60
N ARG A 1 -9.72 7.34 3.05
CA ARG A 1 -8.28 7.18 3.08
C ARG A 1 -7.89 5.70 3.02
N GLY A 2 -7.21 5.31 1.95
CA GLY A 2 -6.80 3.93 1.78
C GLY A 2 -5.53 3.61 2.56
N VAL A 3 -5.32 2.32 2.82
CA VAL A 3 -4.14 1.88 3.57
C VAL A 3 -3.01 1.51 2.63
N THR A 4 -1.81 2.01 2.92
CA THR A 4 -0.64 1.73 2.11
C THR A 4 0.18 0.59 2.69
N VAL A 5 0.18 -0.56 2.00
CA VAL A 5 0.93 -1.72 2.45
C VAL A 5 2.08 -2.03 1.51
N PRO A 6 3.24 -1.38 1.75
CA PRO A 6 4.44 -1.58 0.94
C PRO A 6 5.05 -2.96 1.13
N HIS A 7 5.27 -3.66 0.03
CA HIS A 7 5.85 -5.01 0.07
C HIS A 7 7.38 -4.92 0.19
N ASN A 8 8.03 -6.07 0.04
CA ASN A 8 9.48 -6.13 0.13
C ASN A 8 10.13 -5.06 -0.73
N GLY A 9 10.25 -3.85 -0.17
CA GLY A 9 10.86 -2.76 -0.91
C GLY A 9 9.87 -2.08 -1.85
N GLU A 10 8.71 -2.70 -2.03
CA GLU A 10 7.68 -2.15 -2.91
C GLU A 10 6.61 -1.43 -2.11
N SER A 11 5.97 -0.45 -2.73
CA SER A 11 4.92 0.33 -2.08
C SER A 11 3.54 0.00 -2.68
N LYS A 12 2.64 -0.46 -1.84
CA LYS A 12 1.29 -0.81 -2.28
C LYS A 12 0.26 0.16 -1.69
N ASP A 13 -0.77 0.46 -2.48
CA ASP A 13 -1.82 1.37 -2.05
C ASP A 13 -3.19 0.69 -2.12
N TYR A 14 -3.79 0.45 -0.96
CA TYR A 14 -5.10 -0.18 -0.90
C TYR A 14 -6.20 0.85 -0.67
N SER A 15 -7.10 0.97 -1.65
CA SER A 15 -8.20 1.91 -1.56
C SER A 15 -9.46 1.24 -1.01
N VAL A 16 -9.81 1.60 0.22
CA VAL A 16 -11.00 1.04 0.87
C VAL A 16 -10.91 -0.48 0.94
N ARG A 1 -6.16 8.71 3.06
CA ARG A 1 -7.15 7.90 3.76
C ARG A 1 -6.91 6.42 3.53
N GLY A 2 -6.30 6.09 2.40
CA GLY A 2 -6.02 4.70 2.08
C GLY A 2 -4.84 4.15 2.86
N VAL A 3 -4.77 2.83 2.98
CA VAL A 3 -3.70 2.17 3.71
C VAL A 3 -2.57 1.77 2.76
N THR A 4 -1.33 2.06 3.16
CA THR A 4 -0.17 1.73 2.35
C THR A 4 0.47 0.42 2.81
N VAL A 5 0.36 -0.62 1.98
CA VAL A 5 0.92 -1.92 2.31
C VAL A 5 2.07 -2.27 1.38
N PRO A 6 3.29 -1.81 1.74
CA PRO A 6 4.49 -2.07 0.96
C PRO A 6 4.92 -3.53 1.00
N HIS A 7 5.10 -4.12 -0.19
CA HIS A 7 5.51 -5.51 -0.29
C HIS A 7 7.01 -5.66 -0.10
N ASN A 8 7.53 -6.85 -0.37
CA ASN A 8 8.95 -7.11 -0.23
C ASN A 8 9.78 -6.04 -0.92
N GLY A 9 10.02 -4.94 -0.21
CA GLY A 9 10.80 -3.85 -0.78
C GLY A 9 9.97 -2.94 -1.66
N GLU A 10 8.74 -3.37 -1.97
CA GLU A 10 7.85 -2.59 -2.80
C GLU A 10 6.83 -1.83 -1.96
N SER A 11 6.35 -0.72 -2.48
CA SER A 11 5.37 0.10 -1.78
C SER A 11 4.00 0.04 -2.46
N LYS A 12 3.00 -0.40 -1.72
CA LYS A 12 1.64 -0.51 -2.26
C LYS A 12 0.71 0.51 -1.60
N ASP A 13 -0.25 1.02 -2.37
CA ASP A 13 -1.19 1.99 -1.86
C ASP A 13 -2.63 1.51 -2.06
N TYR A 14 -3.31 1.22 -0.96
CA TYR A 14 -4.69 0.74 -1.02
C TYR A 14 -5.66 1.88 -0.71
N SER A 15 -6.50 2.22 -1.69
CA SER A 15 -7.48 3.27 -1.53
C SER A 15 -8.82 2.71 -1.08
N VAL A 16 -9.18 2.99 0.17
CA VAL A 16 -10.44 2.51 0.73
C VAL A 16 -11.21 3.64 1.40
N ARG A 1 -9.97 5.13 4.10
CA ARG A 1 -9.39 5.70 2.90
C ARG A 1 -8.32 4.79 2.32
N GLY A 2 -7.90 5.09 1.09
CA GLY A 2 -6.89 4.27 0.44
C GLY A 2 -5.64 4.13 1.29
N VAL A 3 -5.39 2.91 1.76
CA VAL A 3 -4.22 2.64 2.58
C VAL A 3 -3.05 2.14 1.74
N THR A 4 -1.85 2.61 2.06
CA THR A 4 -0.65 2.22 1.34
C THR A 4 0.10 1.11 2.06
N VAL A 5 0.08 -0.08 1.47
CA VAL A 5 0.77 -1.23 2.05
C VAL A 5 1.94 -1.67 1.20
N PRO A 6 3.11 -1.04 1.42
CA PRO A 6 4.34 -1.35 0.69
C PRO A 6 4.89 -2.73 1.03
N HIS A 7 5.13 -3.54 0.02
CA HIS A 7 5.65 -4.89 0.21
C HIS A 7 7.17 -4.85 0.43
N ASN A 8 7.80 -6.02 0.41
CA ASN A 8 9.24 -6.11 0.59
C ASN A 8 9.98 -5.14 -0.32
N GLY A 9 10.10 -3.90 0.13
CA GLY A 9 10.79 -2.89 -0.66
C GLY A 9 9.89 -2.27 -1.71
N GLU A 10 8.72 -2.88 -1.92
CA GLU A 10 7.77 -2.38 -2.91
C GLU A 10 6.67 -1.57 -2.25
N SER A 11 6.09 -0.63 -2.99
CA SER A 11 5.02 0.21 -2.48
C SER A 11 3.68 -0.14 -3.12
N LYS A 12 2.71 -0.47 -2.28
CA LYS A 12 1.38 -0.83 -2.76
C LYS A 12 0.35 0.23 -2.38
N ASP A 13 -0.68 0.38 -3.21
CA ASP A 13 -1.72 1.36 -2.95
C ASP A 13 -3.10 0.69 -2.91
N TYR A 14 -3.72 0.70 -1.73
CA TYR A 14 -5.03 0.10 -1.56
C TYR A 14 -6.14 1.15 -1.58
N SER A 15 -7.37 0.71 -1.82
CA SER A 15 -8.51 1.62 -1.87
C SER A 15 -9.39 1.45 -0.63
N VAL A 16 -9.59 2.55 0.09
CA VAL A 16 -10.42 2.53 1.28
C VAL A 16 -9.85 1.55 2.32
N ARG A 1 -9.41 7.92 0.90
CA ARG A 1 -8.54 7.66 2.04
C ARG A 1 -8.12 6.19 2.08
N GLY A 2 -7.31 5.79 1.10
CA GLY A 2 -6.85 4.41 1.04
C GLY A 2 -5.59 4.19 1.85
N VAL A 3 -5.36 2.95 2.26
CA VAL A 3 -4.18 2.59 3.04
C VAL A 3 -3.07 2.09 2.15
N THR A 4 -1.83 2.52 2.44
CA THR A 4 -0.67 2.11 1.66
C THR A 4 0.06 0.95 2.34
N VAL A 5 0.00 -0.23 1.72
CA VAL A 5 0.66 -1.40 2.26
C VAL A 5 1.83 -1.84 1.38
N PRO A 6 3.01 -1.24 1.62
CA PRO A 6 4.22 -1.55 0.86
C PRO A 6 4.75 -2.94 1.15
N HIS A 7 4.97 -3.73 0.10
CA HIS A 7 5.47 -5.09 0.25
C HIS A 7 6.99 -5.08 0.41
N ASN A 8 7.59 -6.27 0.36
CA ASN A 8 9.03 -6.40 0.50
C ASN A 8 9.77 -5.40 -0.39
N GLY A 9 9.94 -4.18 0.10
CA GLY A 9 10.62 -3.15 -0.67
C GLY A 9 9.71 -2.49 -1.68
N GLU A 10 8.52 -3.06 -1.88
CA GLU A 10 7.57 -2.52 -2.84
C GLU A 10 6.49 -1.71 -2.12
N SER A 11 5.91 -0.74 -2.83
CA SER A 11 4.88 0.12 -2.27
C SER A 11 3.52 -0.19 -2.89
N LYS A 12 2.56 -0.55 -2.05
CA LYS A 12 1.21 -0.87 -2.52
C LYS A 12 0.21 0.17 -2.03
N ASP A 13 -0.82 0.42 -2.84
CA ASP A 13 -1.84 1.39 -2.49
C ASP A 13 -3.23 0.75 -2.52
N TYR A 14 -3.85 0.65 -1.35
CA TYR A 14 -5.17 0.05 -1.24
C TYR A 14 -6.25 1.13 -1.13
N SER A 15 -7.14 1.16 -2.12
CA SER A 15 -8.22 2.15 -2.15
C SER A 15 -9.47 1.59 -1.49
N VAL A 16 -9.80 2.11 -0.32
CA VAL A 16 -10.99 1.67 0.41
C VAL A 16 -11.79 2.86 0.93
N ARG A 1 -9.53 7.65 2.74
CA ARG A 1 -8.08 7.50 2.66
C ARG A 1 -7.69 6.03 2.59
N GLY A 2 -6.96 5.66 1.54
CA GLY A 2 -6.53 4.29 1.37
C GLY A 2 -5.29 3.97 2.19
N VAL A 3 -5.11 2.69 2.50
CA VAL A 3 -3.96 2.26 3.29
C VAL A 3 -2.82 1.80 2.38
N THR A 4 -1.60 2.17 2.74
CA THR A 4 -0.42 1.80 1.95
C THR A 4 0.28 0.59 2.54
N VAL A 5 0.21 -0.54 1.84
CA VAL A 5 0.83 -1.77 2.30
C VAL A 5 2.01 -2.15 1.40
N PRO A 6 3.19 -1.60 1.72
CA PRO A 6 4.42 -1.87 0.96
C PRO A 6 4.93 -3.30 1.14
N HIS A 7 5.14 -3.99 0.04
CA HIS A 7 5.62 -5.37 0.09
C HIS A 7 7.13 -5.42 0.30
N ASN A 8 7.71 -6.60 0.16
CA ASN A 8 9.15 -6.77 0.32
C ASN A 8 9.92 -5.74 -0.47
N GLY A 9 10.09 -4.55 0.12
CA GLY A 9 10.82 -3.49 -0.55
C GLY A 9 9.95 -2.71 -1.52
N GLU A 10 8.76 -3.25 -1.79
CA GLU A 10 7.83 -2.60 -2.72
C GLU A 10 6.76 -1.83 -1.97
N SER A 11 6.22 -0.80 -2.61
CA SER A 11 5.19 0.03 -1.99
C SER A 11 3.84 -0.19 -2.68
N LYS A 12 2.85 -0.60 -1.89
CA LYS A 12 1.52 -0.85 -2.41
C LYS A 12 0.52 0.17 -1.87
N ASP A 13 -0.48 0.50 -2.67
CA ASP A 13 -1.50 1.47 -2.27
C ASP A 13 -2.90 0.86 -2.39
N TYR A 14 -3.55 0.67 -1.25
CA TYR A 14 -4.89 0.09 -1.21
C TYR A 14 -5.94 1.18 -1.05
N SER A 15 -6.80 1.32 -2.05
CA SER A 15 -7.86 2.33 -2.02
C SER A 15 -9.14 1.75 -1.45
N VAL A 16 -9.49 2.19 -0.23
CA VAL A 16 -10.70 1.71 0.43
C VAL A 16 -11.91 2.57 0.06
N ARG A 1 -9.90 7.90 1.57
CA ARG A 1 -8.45 7.72 1.58
C ARG A 1 -8.11 6.23 1.69
N GLY A 2 -7.27 5.76 0.77
CA GLY A 2 -6.86 4.37 0.78
C GLY A 2 -5.61 4.14 1.62
N VAL A 3 -5.40 2.89 2.04
CA VAL A 3 -4.25 2.54 2.85
C VAL A 3 -3.09 2.05 1.98
N THR A 4 -1.90 2.59 2.21
CA THR A 4 -0.72 2.21 1.45
C THR A 4 0.10 1.16 2.19
N VAL A 5 0.12 -0.06 1.66
CA VAL A 5 0.87 -1.14 2.28
C VAL A 5 2.01 -1.60 1.38
N PRO A 6 3.17 -0.94 1.53
CA PRO A 6 4.37 -1.25 0.75
C PRO A 6 4.97 -2.61 1.13
N HIS A 7 5.18 -3.46 0.12
CA HIS A 7 5.75 -4.78 0.34
C HIS A 7 7.27 -4.71 0.47
N ASN A 8 7.91 -5.87 0.47
CA ASN A 8 9.36 -5.93 0.59
C ASN A 8 10.04 -4.99 -0.41
N GLY A 9 10.16 -3.72 -0.01
CA GLY A 9 10.78 -2.74 -0.89
C GLY A 9 9.81 -2.17 -1.92
N GLU A 10 8.64 -2.80 -2.03
CA GLU A 10 7.63 -2.36 -2.98
C GLU A 10 6.55 -1.54 -2.29
N SER A 11 5.92 -0.64 -3.05
CA SER A 11 4.88 0.21 -2.50
C SER A 11 3.51 -0.18 -3.06
N LYS A 12 2.59 -0.52 -2.17
CA LYS A 12 1.24 -0.91 -2.57
C LYS A 12 0.22 0.13 -2.13
N ASP A 13 -0.81 0.33 -2.94
CA ASP A 13 -1.87 1.29 -2.64
C ASP A 13 -3.23 0.62 -2.63
N TYR A 14 -3.84 0.55 -1.46
CA TYR A 14 -5.15 -0.07 -1.32
C TYR A 14 -6.25 0.98 -1.25
N SER A 15 -7.14 0.97 -2.23
CA SER A 15 -8.24 1.93 -2.28
C SER A 15 -9.50 1.34 -1.67
N VAL A 16 -9.88 1.86 -0.50
CA VAL A 16 -11.07 1.39 0.20
C VAL A 16 -12.31 1.54 -0.67
N ARG A 1 -9.32 5.76 4.34
CA ARG A 1 -8.40 6.44 3.45
C ARG A 1 -7.42 5.44 2.82
N GLY A 2 -6.94 5.78 1.62
CA GLY A 2 -6.00 4.91 0.94
C GLY A 2 -4.82 4.52 1.80
N VAL A 3 -4.75 3.24 2.15
CA VAL A 3 -3.66 2.73 2.98
C VAL A 3 -2.52 2.19 2.13
N THR A 4 -1.29 2.53 2.51
CA THR A 4 -0.12 2.09 1.78
C THR A 4 0.49 0.85 2.43
N VAL A 5 0.38 -0.29 1.76
CA VAL A 5 0.93 -1.54 2.28
C VAL A 5 2.07 -2.05 1.39
N PRO A 6 3.29 -1.54 1.66
CA PRO A 6 4.48 -1.93 0.91
C PRO A 6 4.91 -3.37 1.19
N HIS A 7 5.08 -4.14 0.13
CA HIS A 7 5.49 -5.54 0.25
C HIS A 7 6.99 -5.66 0.44
N ASN A 8 7.50 -6.88 0.40
CA ASN A 8 8.93 -7.12 0.56
C ASN A 8 9.75 -6.18 -0.31
N GLY A 9 10.00 -4.97 0.22
CA GLY A 9 10.78 -4.00 -0.52
C GLY A 9 9.94 -3.25 -1.55
N GLU A 10 8.71 -3.72 -1.76
CA GLU A 10 7.82 -3.10 -2.72
C GLU A 10 6.81 -2.20 -2.01
N SER A 11 6.32 -1.19 -2.72
CA SER A 11 5.35 -0.26 -2.17
C SER A 11 3.98 -0.43 -2.83
N LYS A 12 2.97 -0.70 -2.02
CA LYS A 12 1.62 -0.88 -2.52
C LYS A 12 0.71 0.27 -2.09
N ASP A 13 -0.28 0.58 -2.92
CA ASP A 13 -1.22 1.66 -2.62
C ASP A 13 -2.65 1.14 -2.64
N TYR A 14 -3.28 1.14 -1.46
CA TYR A 14 -4.66 0.68 -1.34
C TYR A 14 -5.64 1.85 -1.29
N SER A 15 -6.90 1.57 -1.52
CA SER A 15 -7.94 2.60 -1.51
C SER A 15 -8.80 2.48 -0.26
N VAL A 16 -8.91 3.57 0.49
CA VAL A 16 -9.71 3.59 1.70
C VAL A 16 -9.17 2.61 2.74
N ARG A 1 -9.17 7.77 1.56
CA ARG A 1 -8.14 7.43 2.53
C ARG A 1 -7.83 5.94 2.50
N GLY A 2 -7.07 5.52 1.48
CA GLY A 2 -6.70 4.13 1.34
C GLY A 2 -5.49 3.76 2.17
N VAL A 3 -5.32 2.47 2.43
CA VAL A 3 -4.19 2.00 3.22
C VAL A 3 -3.03 1.59 2.33
N THR A 4 -1.83 2.02 2.68
CA THR A 4 -0.63 1.70 1.91
C THR A 4 0.11 0.52 2.51
N VAL A 5 0.09 -0.60 1.80
CA VAL A 5 0.76 -1.81 2.26
C VAL A 5 1.93 -2.17 1.34
N PRO A 6 3.10 -1.56 1.62
CA PRO A 6 4.31 -1.80 0.84
C PRO A 6 4.88 -3.21 1.06
N HIS A 7 5.11 -3.92 -0.04
CA HIS A 7 5.65 -5.27 0.04
C HIS A 7 7.17 -5.25 0.18
N ASN A 8 7.79 -6.42 0.08
CA ASN A 8 9.23 -6.52 0.20
C ASN A 8 9.94 -5.46 -0.64
N GLY A 9 10.09 -4.28 -0.08
CA GLY A 9 10.75 -3.20 -0.79
C GLY A 9 9.81 -2.50 -1.77
N GLU A 10 8.64 -3.08 -1.97
CA GLU A 10 7.66 -2.51 -2.89
C GLU A 10 6.58 -1.74 -2.13
N SER A 11 5.99 -0.75 -2.80
CA SER A 11 4.95 0.06 -2.18
C SER A 11 3.59 -0.21 -2.82
N LYS A 12 2.64 -0.62 -2.00
CA LYS A 12 1.30 -0.92 -2.48
C LYS A 12 0.29 0.09 -1.95
N ASP A 13 -0.72 0.39 -2.76
CA ASP A 13 -1.75 1.35 -2.37
C ASP A 13 -3.14 0.72 -2.46
N TYR A 14 -3.76 0.51 -1.30
CA TYR A 14 -5.09 -0.08 -1.25
C TYR A 14 -6.17 0.98 -1.06
N SER A 15 -7.05 1.11 -2.05
CA SER A 15 -8.12 2.10 -1.99
C SER A 15 -9.41 1.47 -1.47
N VAL A 16 -9.79 1.85 -0.25
CA VAL A 16 -11.01 1.33 0.37
C VAL A 16 -12.18 2.27 0.15
N ARG A 1 -9.21 7.78 2.19
CA ARG A 1 -7.92 7.48 2.79
C ARG A 1 -7.62 5.99 2.73
N GLY A 2 -6.85 5.59 1.72
CA GLY A 2 -6.51 4.19 1.57
C GLY A 2 -5.29 3.81 2.38
N VAL A 3 -5.13 2.51 2.64
CA VAL A 3 -4.00 2.01 3.41
C VAL A 3 -2.85 1.61 2.50
N THR A 4 -1.64 2.02 2.86
CA THR A 4 -0.46 1.70 2.07
C THR A 4 0.28 0.50 2.65
N VAL A 5 0.24 -0.62 1.93
CA VAL A 5 0.90 -1.84 2.37
C VAL A 5 2.07 -2.20 1.45
N PRO A 6 3.24 -1.60 1.73
CA PRO A 6 4.45 -1.85 0.94
C PRO A 6 5.00 -3.26 1.14
N HIS A 7 5.22 -3.97 0.02
CA HIS A 7 5.74 -5.32 0.09
C HIS A 7 7.26 -5.31 0.21
N ASN A 8 7.86 -6.49 0.10
CA ASN A 8 9.31 -6.62 0.21
C ASN A 8 10.03 -5.56 -0.63
N GLY A 9 10.20 -4.37 -0.04
CA GLY A 9 10.85 -3.29 -0.75
C GLY A 9 9.93 -2.57 -1.72
N GLU A 10 8.74 -3.14 -1.92
CA GLU A 10 7.76 -2.55 -2.82
C GLU A 10 6.70 -1.77 -2.05
N SER A 11 6.12 -0.77 -2.70
CA SER A 11 5.09 0.05 -2.07
C SER A 11 3.73 -0.20 -2.70
N LYS A 12 2.77 -0.62 -1.89
CA LYS A 12 1.42 -0.90 -2.36
C LYS A 12 0.42 0.12 -1.82
N ASP A 13 -0.59 0.45 -2.61
CA ASP A 13 -1.60 1.41 -2.21
C ASP A 13 -3.00 0.78 -2.29
N TYR A 14 -3.62 0.58 -1.14
CA TYR A 14 -4.96 0.00 -1.08
C TYR A 14 -6.01 1.07 -0.88
N SER A 15 -6.90 1.22 -1.85
CA SER A 15 -7.96 2.22 -1.78
C SER A 15 -9.25 1.60 -1.26
N VAL A 16 -9.62 1.96 -0.04
CA VAL A 16 -10.84 1.44 0.58
C VAL A 16 -12.06 1.73 -0.28
#